data_8AE8
#
_entry.id   8AE8
#
_cell.length_a   80.889
_cell.length_b   107.841
_cell.length_c   105.695
_cell.angle_alpha   90.000
_cell.angle_beta   90.000
_cell.angle_gamma   90.000
#
_symmetry.space_group_name_H-M   'C 2 2 21'
#
loop_
_entity.id
_entity.type
_entity.pdbx_description
1 polymer 'Cytochrome P450 protein'
2 non-polymer 'PROTOPORPHYRIN IX CONTAINING FE'
3 non-polymer 1~{H}-indol-5-ylmethanamine
4 water water
#
_entity_poly.entity_id   1
_entity_poly.type   'polypeptide(L)'
_entity_poly.pdbx_seq_one_letter_code
;GSLKVYNSIFDQAYEIDPIPYFNFLRKHDPVHYEESIDAYFVSKYKDVKYILKNNDIFNTKTLAKRAEPVMKDRVLAQMS
GQEHKSKKKAILKGMTGKYLENLMPILEKRTNDIINKHIEKKEIDIVNDFGKVFAVQSSMDLLGINLENYEKIREWHNGI
AKFITSFNLNDEEIKYSLECSDKLENYLMPLIKDRKKSTKDDLISILLEYKNDENSISDTEILALSLNVLLAATEPVDKT
LAYLFYNLLKNPEQFESVKNNPKLIKNAIIETLRYNSPVQLIPRQVSKPFIFNNTELQAGDTVICMIGSANRDPEAYSNP
DEFNIHRSSDNKSPFTSHSQNLSFGTGVHTCVGASFSLIQLEMVAILLLKRLKNIKLKTMEITEHGIYTRGPKSMVISFD
;
_entity_poly.pdbx_strand_id   A
#
# COMPACT_ATOMS: atom_id res chain seq x y z
N LYS A 4 19.97 -26.50 5.84
CA LYS A 4 18.96 -27.34 5.19
C LYS A 4 18.48 -26.70 3.90
N VAL A 5 17.92 -25.50 4.00
CA VAL A 5 17.59 -24.66 2.85
C VAL A 5 18.46 -23.41 2.92
N TYR A 6 19.09 -23.08 1.80
CA TYR A 6 20.12 -22.05 1.76
C TYR A 6 19.65 -20.76 1.11
N ASN A 7 18.49 -20.73 0.48
CA ASN A 7 17.94 -19.50 -0.08
C ASN A 7 17.03 -18.88 0.97
N SER A 8 17.36 -17.67 1.43
CA SER A 8 16.57 -17.02 2.48
C SER A 8 16.06 -15.67 2.02
N ILE A 9 14.82 -15.37 2.41
CA ILE A 9 14.21 -14.05 2.20
C ILE A 9 15.11 -12.95 2.72
N PHE A 10 15.89 -13.24 3.75
CA PHE A 10 16.70 -12.21 4.38
C PHE A 10 18.13 -12.21 3.87
N ASP A 11 18.43 -12.99 2.83
CA ASP A 11 19.66 -12.81 2.10
C ASP A 11 19.74 -11.36 1.62
N GLN A 12 20.96 -10.81 1.57
CA GLN A 12 21.16 -9.46 1.04
C GLN A 12 20.65 -9.35 -0.39
N ALA A 13 20.85 -10.43 -1.16
CA ALA A 13 20.46 -10.44 -2.57
C ALA A 13 18.96 -10.26 -2.72
N TYR A 14 18.17 -10.70 -1.74
CA TYR A 14 16.72 -10.70 -1.91
C TYR A 14 16.20 -9.28 -2.07
N GLU A 15 16.60 -8.38 -1.18
CA GLU A 15 16.02 -7.04 -1.22
C GLU A 15 16.49 -6.28 -2.45
N ILE A 16 17.66 -6.59 -2.96
CA ILE A 16 18.14 -5.95 -4.17
C ILE A 16 17.33 -6.41 -5.37
N ASP A 17 17.10 -7.74 -5.50
CA ASP A 17 16.32 -8.31 -6.60
C ASP A 17 15.63 -9.60 -6.17
N PRO A 18 14.35 -9.52 -5.81
CA PRO A 18 13.67 -10.72 -5.31
C PRO A 18 13.15 -11.63 -6.41
N ILE A 19 13.15 -11.19 -7.66
CA ILE A 19 12.50 -11.97 -8.71
C ILE A 19 13.10 -13.37 -8.81
N PRO A 20 14.41 -13.56 -8.85
CA PRO A 20 14.94 -14.95 -8.85
C PRO A 20 14.50 -15.75 -7.65
N TYR A 21 14.23 -15.08 -6.52
CA TYR A 21 13.74 -15.78 -5.35
C TYR A 21 12.30 -16.22 -5.56
N PHE A 22 11.47 -15.33 -6.11
CA PHE A 22 10.10 -15.72 -6.43
C PHE A 22 10.10 -17.00 -7.26
N ASN A 23 10.93 -17.03 -8.31
CA ASN A 23 10.93 -18.14 -9.25
C ASN A 23 11.40 -19.43 -8.59
N PHE A 24 12.42 -19.33 -7.75
CA PHE A 24 12.91 -20.49 -7.03
C PHE A 24 11.87 -21.01 -6.05
N LEU A 25 11.27 -20.13 -5.25
CA LEU A 25 10.37 -20.58 -4.19
C LEU A 25 9.12 -21.23 -4.76
N ARG A 26 8.53 -20.64 -5.80
CA ARG A 26 7.31 -21.21 -6.37
C ARG A 26 7.57 -22.61 -6.91
N LYS A 27 8.77 -22.82 -7.47
CA LYS A 27 9.08 -24.09 -8.11
C LYS A 27 9.61 -25.13 -7.14
N HIS A 28 10.31 -24.70 -6.08
CA HIS A 28 11.03 -25.63 -5.22
C HIS A 28 10.67 -25.58 -3.74
N ASP A 29 10.06 -24.51 -3.26
CA ASP A 29 9.70 -24.44 -1.85
C ASP A 29 8.54 -23.45 -1.67
N PRO A 30 7.34 -23.83 -2.11
CA PRO A 30 6.22 -22.86 -2.17
C PRO A 30 5.70 -22.44 -0.81
N VAL A 31 5.99 -23.19 0.25
CA VAL A 31 5.67 -22.82 1.63
C VAL A 31 6.97 -22.94 2.39
N HIS A 32 7.70 -21.82 2.53
CA HIS A 32 9.11 -21.77 2.85
C HIS A 32 9.32 -21.20 4.25
N TYR A 33 9.95 -21.97 5.13
CA TYR A 33 10.11 -21.57 6.52
C TYR A 33 11.33 -20.69 6.70
N GLU A 34 11.17 -19.59 7.45
CA GLU A 34 12.25 -18.68 7.83
C GLU A 34 12.35 -18.65 9.35
N GLU A 35 13.39 -19.26 9.91
CA GLU A 35 13.47 -19.38 11.36
C GLU A 35 13.72 -18.05 12.04
N SER A 36 14.26 -17.07 11.31
CA SER A 36 14.59 -15.79 11.93
C SER A 36 13.35 -15.12 12.50
N ILE A 37 12.18 -15.37 11.91
CA ILE A 37 10.95 -14.72 12.37
C ILE A 37 9.84 -15.75 12.54
N ASP A 38 10.22 -17.03 12.51
CA ASP A 38 9.28 -18.13 12.76
C ASP A 38 7.99 -17.96 11.94
N ALA A 39 8.17 -17.96 10.62
CA ALA A 39 7.02 -17.79 9.73
C ALA A 39 7.34 -18.47 8.42
N TYR A 40 6.28 -18.94 7.75
CA TYR A 40 6.37 -19.54 6.42
C TYR A 40 5.98 -18.52 5.35
N PHE A 41 6.78 -18.42 4.30
CA PHE A 41 6.48 -17.54 3.18
C PHE A 41 5.85 -18.35 2.06
N VAL A 42 4.73 -17.85 1.53
CA VAL A 42 3.89 -18.52 0.55
C VAL A 42 3.96 -17.77 -0.77
N SER A 43 4.44 -18.45 -1.81
CA SER A 43 4.85 -17.80 -3.05
C SER A 43 3.94 -18.03 -4.24
N LYS A 44 3.08 -19.04 -4.22
CA LYS A 44 2.27 -19.31 -5.38
C LYS A 44 0.92 -18.59 -5.33
N TYR A 45 0.43 -18.23 -6.51
CA TYR A 45 -0.85 -17.54 -6.62
C TYR A 45 -1.97 -18.37 -6.02
N LYS A 46 -2.03 -19.66 -6.35
CA LYS A 46 -3.14 -20.48 -5.87
C LYS A 46 -3.18 -20.52 -4.36
N ASP A 47 -2.03 -20.67 -3.70
CA ASP A 47 -2.03 -20.78 -2.25
C ASP A 47 -2.27 -19.44 -1.56
N VAL A 48 -1.67 -18.35 -2.07
CA VAL A 48 -2.00 -17.02 -1.54
C VAL A 48 -3.50 -16.77 -1.62
N LYS A 49 -4.09 -17.01 -2.79
CA LYS A 49 -5.52 -16.78 -2.95
C LYS A 49 -6.29 -17.60 -1.93
N TYR A 50 -5.92 -18.87 -1.76
CA TYR A 50 -6.65 -19.73 -0.83
C TYR A 50 -6.53 -19.19 0.58
N ILE A 51 -5.33 -18.76 0.97
CA ILE A 51 -5.13 -18.24 2.32
C ILE A 51 -6.03 -17.02 2.54
N LEU A 52 -6.00 -16.08 1.61
CA LEU A 52 -6.73 -14.83 1.83
C LEU A 52 -8.24 -15.02 1.76
N LYS A 53 -8.71 -16.02 1.02
CA LYS A 53 -10.14 -16.29 0.91
C LYS A 53 -10.68 -17.13 2.07
N ASN A 54 -9.83 -17.61 2.97
CA ASN A 54 -10.28 -18.46 4.06
C ASN A 54 -9.89 -17.81 5.39
N ASN A 55 -10.62 -16.75 5.74
CA ASN A 55 -10.31 -15.96 6.92
C ASN A 55 -10.47 -16.75 8.20
N ASP A 56 -11.20 -17.86 8.18
CA ASP A 56 -11.35 -18.65 9.39
C ASP A 56 -10.11 -19.48 9.68
N ILE A 57 -9.54 -20.09 8.65
CA ILE A 57 -8.33 -20.90 8.85
C ILE A 57 -7.10 -20.03 9.03
N PHE A 58 -7.03 -18.89 8.33
CA PHE A 58 -5.90 -17.96 8.39
C PHE A 58 -6.45 -16.58 8.76
N ASN A 59 -6.34 -16.21 10.04
CA ASN A 59 -6.96 -15.00 10.58
C ASN A 59 -5.92 -13.90 10.71
N THR A 60 -6.38 -12.75 11.16
CA THR A 60 -5.59 -11.54 11.17
C THR A 60 -5.08 -11.16 12.55
N LYS A 61 -5.19 -12.06 13.54
CA LYS A 61 -4.68 -11.71 14.87
C LYS A 61 -3.17 -11.54 14.87
N THR A 62 -2.47 -12.09 13.87
CA THR A 62 -1.05 -11.80 13.70
C THR A 62 -0.81 -10.29 13.65
N LEU A 63 -1.59 -9.58 12.84
CA LEU A 63 -1.49 -8.13 12.73
C LEU A 63 -2.24 -7.50 13.91
N ALA A 64 -1.61 -7.62 15.08
CA ALA A 64 -2.18 -7.04 16.30
C ALA A 64 -1.07 -6.67 17.28
N LYS A 65 -0.09 -7.57 17.44
CA LYS A 65 1.12 -7.21 18.19
C LYS A 65 2.08 -6.42 17.32
N ARG A 66 2.01 -6.58 15.99
CA ARG A 66 2.81 -5.78 15.07
C ARG A 66 2.08 -4.50 14.66
N ALA A 67 1.18 -4.01 15.51
CA ALA A 67 0.35 -2.84 15.17
C ALA A 67 0.00 -2.05 16.43
N GLU A 68 -0.59 -2.73 17.42
CA GLU A 68 -1.08 -2.06 18.63
C GLU A 68 -0.06 -1.11 19.22
N PRO A 69 1.23 -1.50 19.29
CA PRO A 69 2.22 -0.59 19.91
C PRO A 69 2.16 0.83 19.38
N VAL A 70 1.71 1.04 18.15
CA VAL A 70 1.76 2.35 17.53
C VAL A 70 0.37 2.87 17.21
N MET A 71 -0.59 1.95 17.02
CA MET A 71 -1.94 2.36 16.63
C MET A 71 -2.81 2.74 17.81
N LYS A 72 -2.46 2.30 19.02
CA LYS A 72 -3.01 2.77 20.28
C LYS A 72 -4.39 2.18 20.57
N ASP A 73 -5.06 1.56 19.61
CA ASP A 73 -6.31 0.85 19.82
C ASP A 73 -6.57 -0.05 18.61
N ARG A 74 -7.78 -0.61 18.54
CA ARG A 74 -8.05 -1.67 17.58
C ARG A 74 -8.14 -1.12 16.17
N VAL A 75 -7.55 -1.85 15.24
CA VAL A 75 -7.50 -1.48 13.83
C VAL A 75 -8.45 -2.38 13.05
N LEU A 76 -8.86 -1.92 11.87
CA LEU A 76 -9.86 -2.64 11.09
C LEU A 76 -9.50 -4.11 10.91
N ALA A 77 -8.22 -4.40 10.63
CA ALA A 77 -7.82 -5.77 10.35
C ALA A 77 -8.11 -6.68 11.52
N GLN A 78 -8.05 -6.15 12.74
CA GLN A 78 -8.32 -6.97 13.91
C GLN A 78 -9.79 -7.34 14.06
N MET A 79 -10.69 -6.67 13.35
CA MET A 79 -12.11 -6.86 13.55
C MET A 79 -12.65 -7.94 12.61
N SER A 80 -13.82 -8.48 12.96
CA SER A 80 -14.47 -9.45 12.10
C SER A 80 -15.98 -9.28 12.24
N GLY A 81 -16.72 -10.08 11.48
CA GLY A 81 -18.16 -10.13 11.62
C GLY A 81 -18.83 -8.81 11.24
N GLN A 82 -19.94 -8.53 11.90
CA GLN A 82 -20.72 -7.36 11.57
C GLN A 82 -19.96 -6.08 11.88
N GLU A 83 -19.12 -6.09 12.91
CA GLU A 83 -18.36 -4.90 13.25
C GLU A 83 -17.40 -4.51 12.13
N HIS A 84 -16.64 -5.49 11.63
CA HIS A 84 -15.70 -5.20 10.57
C HIS A 84 -16.40 -4.69 9.32
N LYS A 85 -17.53 -5.29 8.96
CA LYS A 85 -18.20 -4.91 7.73
C LYS A 85 -18.76 -3.50 7.83
N SER A 86 -19.33 -3.14 8.98
CA SER A 86 -19.99 -1.85 9.10
C SER A 86 -18.97 -0.73 9.24
N LYS A 87 -17.86 -0.99 9.95
CA LYS A 87 -16.81 0.02 10.04
C LYS A 87 -16.05 0.13 8.73
N LYS A 88 -15.83 -0.99 8.06
CA LYS A 88 -15.26 -0.92 6.72
C LYS A 88 -16.14 -0.07 5.81
N LYS A 89 -17.47 -0.24 5.91
CA LYS A 89 -18.38 0.58 5.11
C LYS A 89 -18.31 2.05 5.51
N ALA A 90 -18.10 2.33 6.80
CA ALA A 90 -17.98 3.72 7.23
C ALA A 90 -16.79 4.39 6.58
N ILE A 91 -15.65 3.69 6.57
CA ILE A 91 -14.44 4.24 5.96
C ILE A 91 -14.66 4.44 4.46
N LEU A 92 -15.26 3.45 3.79
CA LEU A 92 -15.49 3.59 2.35
C LEU A 92 -16.38 4.80 2.05
N LYS A 93 -17.22 5.18 3.00
CA LYS A 93 -18.11 6.31 2.77
C LYS A 93 -17.34 7.60 2.56
N GLY A 94 -16.15 7.71 3.16
CA GLY A 94 -15.35 8.91 3.06
C GLY A 94 -14.59 9.07 1.76
N MET A 95 -14.61 8.05 0.91
CA MET A 95 -13.96 8.10 -0.40
C MET A 95 -14.93 7.67 -1.51
N THR A 96 -16.24 7.80 -1.26
CA THR A 96 -17.29 7.52 -2.23
C THR A 96 -18.31 8.64 -2.19
N GLY A 97 -19.31 8.53 -3.04
CA GLY A 97 -20.40 9.47 -2.97
C GLY A 97 -19.95 10.93 -3.01
N LYS A 98 -20.63 11.74 -2.21
CA LYS A 98 -20.34 13.16 -2.20
C LYS A 98 -18.96 13.45 -1.64
N TYR A 99 -18.47 12.63 -0.70
CA TYR A 99 -17.13 12.87 -0.18
C TYR A 99 -16.09 12.73 -1.27
N LEU A 100 -16.26 11.77 -2.18
CA LEU A 100 -15.32 11.63 -3.28
C LEU A 100 -15.45 12.80 -4.27
N GLU A 101 -16.67 13.21 -4.62
CA GLU A 101 -16.83 14.38 -5.50
C GLU A 101 -16.12 15.60 -4.93
N ASN A 102 -16.13 15.75 -3.61
CA ASN A 102 -15.49 16.94 -3.03
C ASN A 102 -13.97 16.78 -2.96
N LEU A 103 -13.52 15.56 -2.72
CA LEU A 103 -12.09 15.32 -2.52
C LEU A 103 -11.31 15.50 -3.81
N MET A 104 -11.88 15.08 -4.93
CA MET A 104 -11.03 14.94 -6.10
C MET A 104 -10.57 16.28 -6.65
N PRO A 105 -11.43 17.33 -6.68
CA PRO A 105 -10.91 18.66 -7.05
C PRO A 105 -9.77 19.12 -6.13
N ILE A 106 -9.83 18.74 -4.85
CA ILE A 106 -8.79 19.13 -3.91
C ILE A 106 -7.50 18.40 -4.24
N LEU A 107 -7.59 17.10 -4.60
CA LEU A 107 -6.38 16.34 -4.98
C LEU A 107 -5.83 16.86 -6.30
N GLU A 108 -6.69 17.33 -7.20
CA GLU A 108 -6.17 18.01 -8.38
C GLU A 108 -5.35 19.25 -7.99
N LYS A 109 -5.81 19.99 -6.99
CA LYS A 109 -5.07 21.16 -6.56
C LYS A 109 -3.73 20.77 -5.96
N ARG A 110 -3.75 19.80 -5.04
CA ARG A 110 -2.50 19.26 -4.50
C ARG A 110 -1.51 18.96 -5.60
N THR A 111 -1.99 18.26 -6.64
CA THR A 111 -1.15 17.81 -7.75
C THR A 111 -0.59 19.00 -8.52
N ASN A 112 -1.45 19.95 -8.90
CA ASN A 112 -0.97 21.08 -9.66
C ASN A 112 -0.08 21.99 -8.83
N ASP A 113 -0.32 22.11 -7.51
CA ASP A 113 0.57 22.92 -6.69
C ASP A 113 1.99 22.31 -6.67
N ILE A 114 2.08 20.98 -6.60
CA ILE A 114 3.41 20.38 -6.63
C ILE A 114 4.05 20.59 -7.99
N ILE A 115 3.30 20.34 -9.05
CA ILE A 115 3.83 20.55 -10.40
C ILE A 115 4.36 21.97 -10.55
N ASN A 116 3.58 22.96 -10.10
CA ASN A 116 3.98 24.35 -10.25
C ASN A 116 5.24 24.69 -9.47
N LYS A 117 5.55 23.91 -8.44
CA LYS A 117 6.79 24.10 -7.69
C LYS A 117 8.01 23.70 -8.51
N HIS A 118 7.86 22.76 -9.45
CA HIS A 118 9.00 22.15 -10.15
C HIS A 118 9.04 22.46 -11.65
N ILE A 119 7.99 23.04 -12.23
CA ILE A 119 7.89 23.13 -13.68
C ILE A 119 9.03 23.97 -14.28
N GLU A 120 9.53 24.96 -13.55
CA GLU A 120 10.57 25.78 -14.15
C GLU A 120 11.94 25.13 -14.10
N LYS A 121 12.11 24.02 -13.36
CA LYS A 121 13.37 23.32 -13.31
C LYS A 121 13.49 22.26 -14.40
N LYS A 122 12.40 21.95 -15.09
CA LYS A 122 12.38 21.05 -16.24
C LYS A 122 12.71 19.62 -15.87
N GLU A 123 12.52 19.24 -14.60
CA GLU A 123 12.69 17.87 -14.14
C GLU A 123 11.99 17.74 -12.81
N ILE A 124 11.68 16.50 -12.44
CA ILE A 124 10.99 16.26 -11.19
C ILE A 124 11.21 14.82 -10.77
N ASP A 125 11.35 14.62 -9.47
CA ASP A 125 11.55 13.29 -8.90
C ASP A 125 10.18 12.75 -8.50
N ILE A 126 9.67 11.80 -9.28
CA ILE A 126 8.32 11.31 -9.03
C ILE A 126 8.21 10.68 -7.65
N VAL A 127 9.30 10.13 -7.12
CA VAL A 127 9.33 9.64 -5.74
C VAL A 127 9.41 10.80 -4.76
N ASN A 128 10.53 11.53 -4.77
CA ASN A 128 10.79 12.45 -3.67
C ASN A 128 10.16 13.82 -3.83
N ASP A 129 10.03 14.32 -5.05
CA ASP A 129 9.41 15.63 -5.23
C ASP A 129 7.90 15.52 -5.23
N PHE A 130 7.35 14.49 -5.90
CA PHE A 130 5.90 14.42 -6.02
C PHE A 130 5.26 13.38 -5.11
N GLY A 131 5.66 12.12 -5.25
CA GLY A 131 4.92 11.03 -4.63
C GLY A 131 4.82 11.13 -3.12
N LYS A 132 5.95 11.34 -2.45
CA LYS A 132 5.93 11.36 -0.98
C LYS A 132 5.19 12.58 -0.43
N VAL A 133 5.17 13.67 -1.19
CA VAL A 133 4.40 14.83 -0.75
C VAL A 133 2.93 14.66 -1.06
N PHE A 134 2.59 14.31 -2.30
CA PHE A 134 1.18 14.15 -2.65
C PHE A 134 0.51 13.11 -1.79
N ALA A 135 1.22 12.00 -1.52
CA ALA A 135 0.62 10.85 -0.84
C ALA A 135 0.16 11.22 0.56
N VAL A 136 0.96 11.96 1.32
CA VAL A 136 0.53 12.26 2.66
C VAL A 136 -0.54 13.35 2.65
N GLN A 137 -0.41 14.33 1.75
CA GLN A 137 -1.39 15.40 1.67
C GLN A 137 -2.77 14.86 1.29
N SER A 138 -2.80 13.95 0.31
CA SER A 138 -4.06 13.33 -0.09
C SER A 138 -4.68 12.54 1.06
N SER A 139 -3.87 11.84 1.85
CA SER A 139 -4.40 11.16 3.03
C SER A 139 -4.90 12.15 4.07
N MET A 140 -4.19 13.26 4.25
CA MET A 140 -4.67 14.25 5.21
C MET A 140 -5.97 14.88 4.71
N ASP A 141 -6.12 15.10 3.40
CA ASP A 141 -7.36 15.67 2.90
C ASP A 141 -8.52 14.68 3.07
N LEU A 142 -8.27 13.42 2.76
CA LEU A 142 -9.28 12.39 2.99
C LEU A 142 -9.75 12.42 4.44
N LEU A 143 -8.81 12.51 5.38
CA LEU A 143 -9.18 12.46 6.81
C LEU A 143 -9.84 13.76 7.26
N GLY A 144 -9.39 14.88 6.73
CA GLY A 144 -9.81 16.17 7.24
C GLY A 144 -8.77 16.97 8.01
N ILE A 145 -7.50 16.66 7.84
CA ILE A 145 -6.44 17.29 8.59
C ILE A 145 -5.89 18.44 7.76
N ASN A 146 -5.75 19.61 8.38
CA ASN A 146 -5.21 20.78 7.70
C ASN A 146 -3.77 20.53 7.28
N LEU A 147 -3.42 21.01 6.10
CA LEU A 147 -2.10 20.77 5.53
C LEU A 147 -0.99 21.57 6.20
N GLU A 148 -1.25 22.31 7.29
CA GLU A 148 -0.22 23.13 7.89
C GLU A 148 1.01 22.30 8.25
N ASN A 149 0.83 21.27 9.09
CA ASN A 149 1.96 20.54 9.64
C ASN A 149 2.31 19.30 8.84
N TYR A 150 2.01 19.28 7.54
CA TYR A 150 2.13 18.04 6.78
C TYR A 150 3.56 17.50 6.76
N GLU A 151 4.56 18.37 6.90
CA GLU A 151 5.94 17.90 6.91
C GLU A 151 6.21 17.03 8.12
N LYS A 152 5.75 17.47 9.29
CA LYS A 152 5.90 16.67 10.49
C LYS A 152 5.02 15.42 10.43
N ILE A 153 3.83 15.53 9.84
CA ILE A 153 3.00 14.35 9.66
C ILE A 153 3.74 13.29 8.86
N ARG A 154 4.45 13.72 7.81
N ARG A 154 4.45 13.72 7.81
CA ARG A 154 5.23 12.78 7.01
CA ARG A 154 5.24 12.78 7.01
C ARG A 154 6.29 12.10 7.87
C ARG A 154 6.30 12.09 7.86
N GLU A 155 7.03 12.88 8.64
CA GLU A 155 8.08 12.32 9.51
C GLU A 155 7.51 11.26 10.44
N TRP A 156 6.45 11.61 11.16
CA TRP A 156 5.85 10.65 12.09
C TRP A 156 5.25 9.45 11.37
N HIS A 157 4.62 9.68 10.21
CA HIS A 157 4.11 8.55 9.44
C HIS A 157 5.23 7.57 9.12
N ASN A 158 6.37 8.09 8.68
CA ASN A 158 7.50 7.24 8.34
C ASN A 158 7.92 6.38 9.53
N GLY A 159 8.00 6.99 10.72
CA GLY A 159 8.39 6.24 11.90
C GLY A 159 7.41 5.13 12.25
N ILE A 160 6.11 5.38 12.09
CA ILE A 160 5.12 4.38 12.42
C ILE A 160 5.15 3.26 11.39
N ALA A 161 5.20 3.64 10.11
CA ALA A 161 5.23 2.66 9.04
C ALA A 161 6.43 1.73 9.19
N LYS A 162 7.58 2.27 9.55
CA LYS A 162 8.78 1.44 9.69
C LYS A 162 8.56 0.34 10.73
N PHE A 163 7.87 0.65 11.83
CA PHE A 163 7.56 -0.37 12.81
C PHE A 163 6.62 -1.43 12.24
N ILE A 164 5.69 -1.01 11.38
CA ILE A 164 4.72 -1.97 10.86
C ILE A 164 5.34 -2.87 9.80
N THR A 165 6.28 -2.35 9.02
CA THR A 165 6.79 -3.04 7.85
C THR A 165 8.14 -3.67 8.10
N SER A 166 8.60 -3.69 9.34
CA SER A 166 9.93 -4.21 9.67
C SER A 166 9.80 -5.55 10.39
N PHE A 167 10.93 -6.23 10.50
CA PHE A 167 10.95 -7.61 10.96
C PHE A 167 11.94 -7.88 12.09
N ASN A 168 12.99 -7.09 12.26
CA ASN A 168 13.90 -7.25 13.39
CA ASN A 168 13.88 -7.25 13.40
C ASN A 168 14.43 -5.87 13.77
N LEU A 169 13.56 -5.04 14.35
CA LEU A 169 13.95 -3.71 14.79
C LEU A 169 14.74 -3.77 16.08
N ASN A 170 15.75 -2.90 16.20
CA ASN A 170 16.52 -2.81 17.43
C ASN A 170 15.84 -1.86 18.41
N ASP A 171 16.32 -1.86 19.66
CA ASP A 171 15.61 -1.20 20.73
C ASP A 171 15.52 0.31 20.49
N GLU A 172 16.58 0.91 19.92
CA GLU A 172 16.56 2.35 19.66
C GLU A 172 15.67 2.69 18.48
N GLU A 173 15.57 1.79 17.50
CA GLU A 173 14.64 2.00 16.40
C GLU A 173 13.20 1.91 16.87
N ILE A 174 12.91 0.94 17.75
CA ILE A 174 11.56 0.77 18.27
C ILE A 174 11.14 2.00 19.06
N LYS A 175 12.02 2.49 19.94
CA LYS A 175 11.65 3.61 20.79
C LYS A 175 11.31 4.85 19.95
N TYR A 176 11.96 5.01 18.80
CA TYR A 176 11.66 6.16 17.96
C TYR A 176 10.31 6.01 17.28
N SER A 177 10.04 4.83 16.70
CA SER A 177 8.72 4.59 16.12
C SER A 177 7.62 4.89 17.13
N LEU A 178 7.82 4.52 18.39
CA LEU A 178 6.81 4.80 19.41
C LEU A 178 6.69 6.32 19.64
N GLU A 179 7.80 7.00 19.87
N GLU A 179 7.80 7.01 19.85
CA GLU A 179 7.74 8.46 20.01
CA GLU A 179 7.73 8.46 20.03
C GLU A 179 6.96 9.08 18.86
C GLU A 179 7.00 9.13 18.86
N CYS A 180 7.24 8.64 17.64
CA CYS A 180 6.52 9.17 16.48
C CYS A 180 5.01 9.01 16.66
N SER A 181 4.56 7.85 17.16
CA SER A 181 3.13 7.61 17.30
C SER A 181 2.52 8.42 18.44
N ASP A 182 3.28 8.69 19.51
CA ASP A 182 2.79 9.61 20.54
C ASP A 182 2.66 11.03 20.00
N LYS A 183 3.64 11.49 19.22
CA LYS A 183 3.52 12.83 18.66
C LYS A 183 2.31 12.93 17.73
N LEU A 184 2.10 11.91 16.91
CA LEU A 184 0.94 11.90 16.04
C LEU A 184 -0.35 11.84 16.86
N GLU A 185 -0.36 11.04 17.92
CA GLU A 185 -1.51 11.02 18.82
C GLU A 185 -1.68 12.39 19.49
N ASN A 186 -0.60 12.96 20.03
CA ASN A 186 -0.69 14.26 20.67
C ASN A 186 -1.22 15.30 19.70
N TYR A 187 -0.84 15.21 18.42
CA TYR A 187 -1.31 16.14 17.41
C TYR A 187 -2.77 15.90 17.07
N LEU A 188 -3.17 14.63 16.93
CA LEU A 188 -4.44 14.29 16.31
C LEU A 188 -5.61 14.29 17.28
N MET A 189 -5.40 13.86 18.52
CA MET A 189 -6.53 13.77 19.45
C MET A 189 -7.23 15.10 19.65
N PRO A 190 -6.54 16.24 19.73
CA PRO A 190 -7.27 17.52 19.88
C PRO A 190 -8.18 17.84 18.70
N LEU A 191 -7.82 17.43 17.48
CA LEU A 191 -8.69 17.71 16.35
C LEU A 191 -9.90 16.79 16.33
N ILE A 192 -9.73 15.53 16.77
CA ILE A 192 -10.88 14.65 16.96
C ILE A 192 -11.84 15.26 17.99
N LYS A 193 -11.29 15.88 19.04
CA LYS A 193 -12.15 16.51 20.06
C LYS A 193 -12.83 17.77 19.52
N ASP A 194 -12.19 18.47 18.59
CA ASP A 194 -12.85 19.62 17.98
C ASP A 194 -13.87 19.17 16.93
N ARG A 195 -13.53 18.14 16.15
CA ARG A 195 -14.47 17.65 15.15
C ARG A 195 -15.76 17.17 15.79
N LYS A 196 -15.71 16.68 17.03
CA LYS A 196 -16.92 16.25 17.72
C LYS A 196 -17.97 17.36 17.71
N LYS A 197 -17.59 18.56 18.13
CA LYS A 197 -18.52 19.69 18.17
C LYS A 197 -18.80 20.14 16.74
N SER A 198 -18.10 21.15 16.24
CA SER A 198 -18.25 21.51 14.84
C SER A 198 -17.89 20.32 13.97
N THR A 199 -18.85 19.86 13.16
CA THR A 199 -18.71 18.65 12.35
C THR A 199 -18.56 19.02 10.89
N LYS A 200 -17.53 18.50 10.25
CA LYS A 200 -17.21 18.80 8.87
C LYS A 200 -17.68 17.65 7.98
N ASP A 201 -17.31 17.69 6.71
CA ASP A 201 -17.59 16.60 5.78
C ASP A 201 -16.28 15.93 5.41
N ASP A 202 -15.73 15.17 6.36
CA ASP A 202 -14.50 14.41 6.16
C ASP A 202 -14.63 13.04 6.83
N LEU A 203 -13.57 12.25 6.74
CA LEU A 203 -13.64 10.89 7.26
C LEU A 203 -13.64 10.88 8.79
N ILE A 204 -12.90 11.80 9.41
CA ILE A 204 -12.84 11.81 10.86
C ILE A 204 -14.21 12.10 11.44
N SER A 205 -14.98 12.96 10.77
CA SER A 205 -16.34 13.23 11.22
C SER A 205 -17.27 12.05 10.93
N ILE A 206 -17.06 11.35 9.81
CA ILE A 206 -17.80 10.11 9.56
C ILE A 206 -17.64 9.16 10.73
N LEU A 207 -16.40 8.98 11.18
CA LEU A 207 -16.13 8.06 12.28
C LEU A 207 -16.77 8.52 13.57
N LEU A 208 -16.84 9.84 13.78
CA LEU A 208 -17.44 10.36 15.00
C LEU A 208 -18.95 10.19 15.00
N GLU A 209 -19.59 10.31 13.83
CA GLU A 209 -21.03 10.16 13.72
C GLU A 209 -21.46 8.71 13.68
N TYR A 210 -20.50 7.79 13.66
CA TYR A 210 -20.79 6.35 13.62
C TYR A 210 -21.75 5.98 14.74
N LYS A 211 -22.73 5.13 14.41
CA LYS A 211 -23.72 4.67 15.37
C LYS A 211 -23.76 3.14 15.32
N ASN A 212 -23.25 2.51 16.39
CA ASN A 212 -23.35 1.07 16.58
C ASN A 212 -24.61 0.80 17.41
N ASP A 213 -25.76 0.80 16.73
CA ASP A 213 -27.07 0.80 17.39
C ASP A 213 -27.31 2.14 18.07
N GLU A 214 -26.78 2.32 19.28
CA GLU A 214 -26.80 3.62 19.95
C GLU A 214 -25.48 3.92 20.63
N ASN A 215 -24.42 3.16 20.34
CA ASN A 215 -23.08 3.37 20.88
C ASN A 215 -22.23 4.08 19.82
N SER A 216 -21.00 4.42 20.20
CA SER A 216 -20.10 5.13 19.31
C SER A 216 -18.67 4.75 19.66
N ILE A 217 -17.81 4.72 18.64
CA ILE A 217 -16.43 4.32 18.87
C ILE A 217 -15.73 5.35 19.75
N SER A 218 -14.98 4.86 20.74
CA SER A 218 -14.26 5.75 21.63
C SER A 218 -13.28 6.61 20.84
N ASP A 219 -12.94 7.77 21.41
CA ASP A 219 -12.02 8.67 20.73
C ASP A 219 -10.69 7.97 20.45
N THR A 220 -10.20 7.19 21.41
CA THR A 220 -8.95 6.47 21.18
C THR A 220 -9.09 5.46 20.04
N GLU A 221 -10.30 4.99 19.78
CA GLU A 221 -10.49 4.08 18.66
C GLU A 221 -10.66 4.82 17.34
N ILE A 222 -11.23 6.02 17.38
CA ILE A 222 -11.23 6.89 16.21
C ILE A 222 -9.81 7.24 15.82
N LEU A 223 -8.96 7.53 16.82
CA LEU A 223 -7.55 7.80 16.54
C LEU A 223 -6.90 6.61 15.88
N ALA A 224 -7.15 5.41 16.40
CA ALA A 224 -6.54 4.21 15.83
C ALA A 224 -7.00 4.00 14.40
N LEU A 225 -8.30 4.14 14.15
CA LEU A 225 -8.80 4.00 12.77
C LEU A 225 -8.28 5.15 11.89
N SER A 226 -8.20 6.36 12.44
CA SER A 226 -7.64 7.45 11.66
C SER A 226 -6.19 7.17 11.31
N LEU A 227 -5.40 6.69 12.28
CA LEU A 227 -4.03 6.29 11.98
C LEU A 227 -3.98 5.17 10.97
N ASN A 228 -4.96 4.27 11.02
CA ASN A 228 -4.98 3.14 10.09
C ASN A 228 -5.14 3.64 8.66
N VAL A 229 -6.05 4.59 8.44
CA VAL A 229 -6.22 5.15 7.11
C VAL A 229 -4.96 5.91 6.68
N LEU A 230 -4.39 6.71 7.60
CA LEU A 230 -3.19 7.47 7.28
C LEU A 230 -2.06 6.58 6.83
N LEU A 231 -1.80 5.51 7.56
CA LEU A 231 -0.75 4.58 7.16
C LEU A 231 -1.10 3.89 5.86
N ALA A 232 -2.35 3.42 5.74
CA ALA A 232 -2.73 2.56 4.63
C ALA A 232 -2.74 3.32 3.31
N ALA A 233 -3.19 4.56 3.32
CA ALA A 233 -3.32 5.29 2.07
C ALA A 233 -2.00 5.91 1.61
N THR A 234 -1.13 6.29 2.54
CA THR A 234 0.09 7.01 2.17
C THR A 234 1.13 6.11 1.51
N GLU A 235 1.58 5.07 2.21
CA GLU A 235 2.72 4.28 1.74
C GLU A 235 2.63 3.85 0.29
N PRO A 236 1.57 3.17 -0.17
CA PRO A 236 1.60 2.59 -1.52
C PRO A 236 1.45 3.56 -2.66
N VAL A 237 0.97 4.79 -2.43
CA VAL A 237 0.71 5.74 -3.52
C VAL A 237 2.01 6.22 -4.14
N ASP A 238 2.93 6.72 -3.30
CA ASP A 238 4.24 7.11 -3.79
C ASP A 238 4.86 6.04 -4.68
N LYS A 239 4.98 4.83 -4.14
CA LYS A 239 5.68 3.78 -4.86
C LYS A 239 5.05 3.52 -6.22
N THR A 240 3.71 3.47 -6.27
CA THR A 240 3.05 3.02 -7.48
C THR A 240 3.16 4.08 -8.57
N LEU A 241 3.05 5.36 -8.19
CA LEU A 241 3.23 6.40 -9.20
C LEU A 241 4.61 6.32 -9.82
N ALA A 242 5.65 6.09 -9.02
CA ALA A 242 6.99 6.05 -9.57
C ALA A 242 7.14 4.86 -10.53
N TYR A 243 6.69 3.69 -10.08
CA TYR A 243 6.77 2.47 -10.89
C TYR A 243 6.02 2.63 -12.21
N LEU A 244 4.85 3.27 -12.16
CA LEU A 244 4.05 3.48 -13.36
C LEU A 244 4.82 4.26 -14.43
N PHE A 245 5.38 5.41 -14.07
CA PHE A 245 6.07 6.16 -15.11
C PHE A 245 7.37 5.49 -15.52
N TYR A 246 8.06 4.85 -14.58
CA TYR A 246 9.29 4.13 -14.96
C TYR A 246 9.01 3.04 -15.98
N ASN A 247 7.95 2.23 -15.75
CA ASN A 247 7.67 1.12 -16.66
C ASN A 247 7.19 1.62 -18.00
N LEU A 248 6.37 2.66 -18.02
CA LEU A 248 5.94 3.22 -19.29
C LEU A 248 7.13 3.76 -20.09
N LEU A 249 8.06 4.45 -19.42
CA LEU A 249 9.18 5.04 -20.13
C LEU A 249 10.20 4.00 -20.55
N LYS A 250 10.29 2.90 -19.80
CA LYS A 250 11.14 1.78 -20.19
C LYS A 250 10.53 0.94 -21.31
N ASN A 251 9.30 1.22 -21.68
CA ASN A 251 8.60 0.54 -22.77
C ASN A 251 8.00 1.60 -23.66
N PRO A 252 8.83 2.30 -24.45
CA PRO A 252 8.35 3.50 -25.16
C PRO A 252 7.09 3.24 -25.96
N GLU A 253 6.96 2.05 -26.56
CA GLU A 253 5.81 1.78 -27.41
C GLU A 253 4.51 1.82 -26.59
N GLN A 254 4.55 1.27 -25.37
CA GLN A 254 3.36 1.30 -24.52
C GLN A 254 3.09 2.72 -24.00
N PHE A 255 4.14 3.45 -23.63
CA PHE A 255 3.96 4.85 -23.25
C PHE A 255 3.21 5.62 -24.34
N GLU A 256 3.49 5.31 -25.61
CA GLU A 256 2.85 6.04 -26.69
C GLU A 256 1.39 5.62 -26.83
N SER A 257 1.11 4.33 -26.68
CA SER A 257 -0.27 3.89 -26.74
C SER A 257 -1.13 4.60 -25.70
N VAL A 258 -0.56 4.84 -24.52
CA VAL A 258 -1.29 5.57 -23.49
C VAL A 258 -1.48 7.02 -23.88
N LYS A 259 -0.44 7.65 -24.44
CA LYS A 259 -0.55 9.04 -24.88
C LYS A 259 -1.58 9.18 -25.99
N ASN A 260 -1.73 8.15 -26.81
CA ASN A 260 -2.64 8.19 -27.94
C ASN A 260 -4.07 7.86 -27.53
N ASN A 261 -4.23 6.85 -26.68
CA ASN A 261 -5.54 6.54 -26.08
C ASN A 261 -5.41 6.66 -24.56
N PRO A 262 -5.70 7.83 -23.99
CA PRO A 262 -5.56 7.98 -22.53
C PRO A 262 -6.38 6.99 -21.73
N LYS A 263 -7.37 6.33 -22.32
CA LYS A 263 -8.15 5.36 -21.55
C LYS A 263 -7.28 4.21 -21.06
N LEU A 264 -6.21 3.89 -21.77
CA LEU A 264 -5.35 2.79 -21.37
C LEU A 264 -4.62 3.03 -20.06
N ILE A 265 -4.77 4.22 -19.46
CA ILE A 265 -4.02 4.54 -18.26
C ILE A 265 -4.48 3.67 -17.09
N LYS A 266 -5.79 3.41 -17.01
CA LYS A 266 -6.30 2.52 -15.95
C LYS A 266 -5.64 1.15 -16.05
N ASN A 267 -5.56 0.60 -17.26
CA ASN A 267 -4.91 -0.70 -17.42
C ASN A 267 -3.43 -0.63 -17.07
N ALA A 268 -2.77 0.48 -17.41
CA ALA A 268 -1.35 0.60 -17.08
C ALA A 268 -1.12 0.62 -15.57
N ILE A 269 -2.00 1.29 -14.82
CA ILE A 269 -1.91 1.30 -13.37
C ILE A 269 -2.08 -0.13 -12.82
N ILE A 270 -3.08 -0.84 -13.31
CA ILE A 270 -3.33 -2.21 -12.86
C ILE A 270 -2.14 -3.10 -13.18
N GLU A 271 -1.58 -2.98 -14.38
CA GLU A 271 -0.41 -3.78 -14.71
C GLU A 271 0.77 -3.40 -13.85
N THR A 272 0.89 -2.11 -13.47
CA THR A 272 1.96 -1.69 -12.58
C THR A 272 1.78 -2.32 -11.20
N LEU A 273 0.54 -2.37 -10.72
CA LEU A 273 0.30 -2.97 -9.42
C LEU A 273 0.63 -4.47 -9.44
N ARG A 274 0.39 -5.15 -10.55
CA ARG A 274 0.74 -6.57 -10.66
C ARG A 274 2.25 -6.76 -10.72
N TYR A 275 2.90 -6.07 -11.65
CA TYR A 275 4.32 -6.26 -11.93
C TYR A 275 5.20 -5.82 -10.77
N ASN A 276 4.92 -4.66 -10.19
CA ASN A 276 5.74 -4.12 -9.09
C ASN A 276 4.84 -3.88 -7.88
N SER A 277 4.36 -4.97 -7.30
CA SER A 277 3.41 -4.91 -6.20
C SER A 277 3.99 -4.10 -5.05
N PRO A 278 3.38 -2.93 -4.68
CA PRO A 278 4.02 -2.05 -3.68
C PRO A 278 3.82 -2.59 -2.28
N VAL A 279 2.74 -3.32 -2.02
CA VAL A 279 2.59 -4.09 -0.79
C VAL A 279 2.98 -5.52 -1.11
N GLN A 280 4.11 -5.99 -0.56
CA GLN A 280 4.71 -7.25 -0.99
C GLN A 280 4.30 -8.44 -0.13
N LEU A 281 3.94 -8.20 1.12
CA LEU A 281 3.68 -9.26 2.08
C LEU A 281 2.38 -9.00 2.83
N ILE A 282 1.61 -10.06 3.01
CA ILE A 282 0.43 -10.04 3.86
C ILE A 282 0.48 -11.22 4.84
N PRO A 283 0.63 -10.98 6.13
CA PRO A 283 0.68 -12.08 7.10
C PRO A 283 -0.69 -12.52 7.57
N ARG A 284 -0.75 -13.81 7.92
CA ARG A 284 -1.92 -14.42 8.54
C ARG A 284 -1.46 -15.41 9.59
N GLN A 285 -2.32 -15.69 10.55
CA GLN A 285 -2.05 -16.68 11.58
C GLN A 285 -2.89 -17.93 11.34
N VAL A 286 -2.25 -19.09 11.44
CA VAL A 286 -2.93 -20.37 11.21
C VAL A 286 -3.73 -20.77 12.44
N SER A 287 -5.00 -21.09 12.25
CA SER A 287 -5.89 -21.40 13.36
C SER A 287 -6.04 -22.89 13.64
N LYS A 288 -5.50 -23.75 12.78
CA LYS A 288 -5.68 -25.19 12.98
C LYS A 288 -4.74 -25.95 12.05
N PRO A 289 -4.49 -27.21 12.34
CA PRO A 289 -3.59 -27.99 11.48
C PRO A 289 -4.03 -27.93 10.03
N PHE A 290 -3.05 -27.91 9.13
CA PHE A 290 -3.31 -27.66 7.73
C PHE A 290 -2.04 -28.00 6.95
N ILE A 291 -2.21 -28.38 5.68
CA ILE A 291 -1.09 -28.76 4.84
C ILE A 291 -1.26 -28.15 3.45
N PHE A 292 -0.22 -27.48 2.95
CA PHE A 292 -0.07 -27.17 1.53
C PHE A 292 1.05 -28.05 0.96
N ASN A 293 0.87 -28.54 -0.26
CA ASN A 293 1.78 -29.50 -0.90
C ASN A 293 2.19 -30.57 0.11
N ASN A 294 3.44 -30.52 0.57
CA ASN A 294 4.01 -31.41 1.58
C ASN A 294 4.16 -30.78 2.94
N THR A 295 3.90 -29.48 3.05
CA THR A 295 4.35 -28.70 4.18
C THR A 295 3.25 -28.59 5.21
N GLU A 296 3.53 -29.11 6.39
CA GLU A 296 2.55 -29.14 7.46
C GLU A 296 2.61 -27.83 8.24
N LEU A 297 1.44 -27.27 8.53
CA LEU A 297 1.31 -26.07 9.34
C LEU A 297 0.52 -26.44 10.60
N GLN A 298 0.87 -25.77 11.69
CA GLN A 298 0.20 -25.98 12.96
C GLN A 298 -0.51 -24.73 13.42
N ALA A 299 -1.51 -24.92 14.28
CA ALA A 299 -2.19 -23.78 14.89
C ALA A 299 -1.19 -22.89 15.60
N GLY A 300 -1.27 -21.58 15.32
CA GLY A 300 -0.35 -20.62 15.86
C GLY A 300 0.79 -20.26 14.94
N ASP A 301 1.07 -21.08 13.93
CA ASP A 301 2.06 -20.72 12.94
C ASP A 301 1.65 -19.46 12.19
N THR A 302 2.63 -18.82 11.58
CA THR A 302 2.42 -17.61 10.83
C THR A 302 2.75 -17.88 9.38
N VAL A 303 1.83 -17.56 8.48
CA VAL A 303 2.11 -17.60 7.05
C VAL A 303 2.15 -16.17 6.52
N ILE A 304 3.01 -15.94 5.53
CA ILE A 304 3.19 -14.62 4.92
C ILE A 304 3.02 -14.78 3.42
N CYS A 305 1.92 -14.24 2.89
CA CYS A 305 1.67 -14.26 1.46
C CYS A 305 2.62 -13.33 0.73
N MET A 306 3.24 -13.83 -0.34
CA MET A 306 4.16 -13.03 -1.15
C MET A 306 3.37 -12.56 -2.37
N ILE A 307 2.80 -11.34 -2.23
CA ILE A 307 1.95 -10.76 -3.25
C ILE A 307 2.69 -10.59 -4.57
N GLY A 308 3.95 -10.12 -4.53
CA GLY A 308 4.71 -9.95 -5.76
C GLY A 308 4.98 -11.27 -6.46
N SER A 309 5.33 -12.29 -5.68
CA SER A 309 5.52 -13.62 -6.22
C SER A 309 4.24 -14.13 -6.86
N ALA A 310 3.14 -14.08 -6.13
CA ALA A 310 1.86 -14.58 -6.65
C ALA A 310 1.49 -13.89 -7.96
N ASN A 311 1.71 -12.58 -8.04
CA ASN A 311 1.32 -11.79 -9.20
C ASN A 311 2.20 -12.04 -10.41
N ARG A 312 3.32 -12.76 -10.24
CA ARG A 312 4.17 -13.18 -11.34
C ARG A 312 4.17 -14.71 -11.52
N ASP A 313 3.19 -15.40 -10.94
CA ASP A 313 3.07 -16.86 -11.07
C ASP A 313 2.73 -17.23 -12.51
N PRO A 314 3.56 -18.02 -13.20
CA PRO A 314 3.20 -18.49 -14.56
C PRO A 314 1.88 -19.29 -14.61
N GLU A 315 1.44 -19.85 -13.49
CA GLU A 315 0.17 -20.55 -13.51
C GLU A 315 -1.00 -19.57 -13.61
N ALA A 316 -0.77 -18.29 -13.28
CA ALA A 316 -1.82 -17.28 -13.32
C ALA A 316 -1.67 -16.26 -14.44
N TYR A 317 -0.47 -16.08 -14.98
CA TYR A 317 -0.24 -15.14 -16.06
C TYR A 317 0.75 -15.72 -17.06
N SER A 318 0.50 -15.47 -18.35
CA SER A 318 1.48 -15.81 -19.37
C SER A 318 2.51 -14.67 -19.46
N ASN A 319 3.77 -15.03 -19.65
CA ASN A 319 4.87 -14.07 -19.64
C ASN A 319 4.77 -13.17 -18.41
N PRO A 320 4.79 -13.74 -17.21
CA PRO A 320 4.48 -12.94 -16.02
C PRO A 320 5.52 -11.90 -15.68
N ASP A 321 6.78 -12.11 -16.07
CA ASP A 321 7.86 -11.19 -15.72
C ASP A 321 8.08 -10.13 -16.79
N GLU A 322 7.07 -9.85 -17.62
CA GLU A 322 7.13 -8.79 -18.61
CA GLU A 322 7.13 -8.79 -18.60
C GLU A 322 6.02 -7.79 -18.33
N PHE A 323 6.35 -6.51 -18.39
CA PHE A 323 5.36 -5.45 -18.22
C PHE A 323 4.59 -5.27 -19.52
N ASN A 324 3.26 -5.42 -19.45
CA ASN A 324 2.43 -5.42 -20.65
C ASN A 324 1.06 -4.85 -20.29
N ILE A 325 0.85 -3.57 -20.63
CA ILE A 325 -0.40 -2.94 -20.24
C ILE A 325 -1.60 -3.48 -21.01
N HIS A 326 -1.39 -4.29 -22.03
CA HIS A 326 -2.47 -4.79 -22.87
C HIS A 326 -2.93 -6.19 -22.48
N ARG A 327 -2.68 -6.63 -21.25
CA ARG A 327 -3.13 -7.96 -20.83
C ARG A 327 -4.65 -8.04 -20.80
N SER A 328 -5.20 -9.08 -21.42
CA SER A 328 -6.62 -9.25 -21.58
C SER A 328 -7.01 -10.67 -21.15
N SER A 329 -8.14 -10.78 -20.47
CA SER A 329 -8.61 -12.08 -20.01
C SER A 329 -9.56 -12.71 -21.01
N THR A 336 -2.70 -15.60 -23.17
CA THR A 336 -3.36 -16.89 -23.06
C THR A 336 -3.91 -17.11 -21.65
N SER A 337 -3.19 -16.59 -20.65
CA SER A 337 -3.58 -16.73 -19.25
C SER A 337 -3.50 -15.38 -18.56
N HIS A 338 -4.59 -15.00 -17.90
CA HIS A 338 -4.68 -13.76 -17.14
C HIS A 338 -5.60 -14.04 -15.96
N SER A 339 -5.24 -13.50 -14.80
CA SER A 339 -6.05 -13.62 -13.60
C SER A 339 -6.19 -12.25 -12.94
N GLN A 340 -7.12 -12.18 -12.01
CA GLN A 340 -7.23 -11.01 -11.16
C GLN A 340 -6.00 -10.95 -10.25
N ASN A 341 -5.31 -9.80 -10.25
CA ASN A 341 -4.09 -9.69 -9.45
C ASN A 341 -4.46 -9.54 -7.99
N LEU A 342 -3.47 -9.80 -7.14
CA LEU A 342 -3.69 -9.79 -5.70
C LEU A 342 -3.09 -8.58 -5.01
N SER A 343 -2.82 -7.51 -5.76
CA SER A 343 -2.17 -6.31 -5.22
C SER A 343 -2.98 -5.59 -4.16
N PHE A 344 -4.31 -5.67 -4.24
CA PHE A 344 -5.22 -5.16 -3.24
C PHE A 344 -5.73 -6.28 -2.30
N GLY A 345 -5.11 -7.45 -2.35
CA GLY A 345 -5.63 -8.52 -1.54
C GLY A 345 -6.89 -9.10 -2.16
N THR A 346 -7.57 -9.93 -1.36
CA THR A 346 -8.82 -10.56 -1.75
C THR A 346 -9.50 -11.09 -0.49
N GLY A 347 -10.79 -11.39 -0.62
CA GLY A 347 -11.51 -11.90 0.53
C GLY A 347 -11.94 -10.80 1.49
N VAL A 348 -12.15 -11.19 2.74
CA VAL A 348 -12.81 -10.31 3.72
C VAL A 348 -12.06 -8.99 3.86
N HIS A 349 -10.74 -9.05 3.97
CA HIS A 349 -9.97 -7.86 4.28
C HIS A 349 -9.36 -7.19 3.05
N THR A 350 -9.96 -7.40 1.88
CA THR A 350 -9.47 -6.75 0.68
C THR A 350 -9.49 -5.22 0.84
N CYS A 351 -8.52 -4.57 0.21
CA CYS A 351 -8.31 -3.14 0.44
C CYS A 351 -9.56 -2.29 0.23
N VAL A 352 -9.98 -1.57 1.26
CA VAL A 352 -11.18 -0.76 1.11
C VAL A 352 -10.94 0.41 0.17
N GLY A 353 -9.69 0.83 0.03
CA GLY A 353 -9.28 1.95 -0.77
C GLY A 353 -8.93 1.65 -2.21
N ALA A 354 -9.28 0.45 -2.72
CA ALA A 354 -8.84 0.04 -4.04
C ALA A 354 -9.42 0.93 -5.13
N SER A 355 -10.74 1.14 -5.12
CA SER A 355 -11.35 1.93 -6.18
C SER A 355 -10.85 3.37 -6.14
N PHE A 356 -10.80 3.97 -4.94
CA PHE A 356 -10.29 5.34 -4.79
C PHE A 356 -8.85 5.43 -5.27
N SER A 357 -8.02 4.44 -4.94
CA SER A 357 -6.62 4.45 -5.38
C SER A 357 -6.53 4.50 -6.90
N LEU A 358 -7.28 3.66 -7.59
CA LEU A 358 -7.25 3.71 -9.05
C LEU A 358 -7.71 5.06 -9.59
N ILE A 359 -8.73 5.66 -8.97
CA ILE A 359 -9.23 6.96 -9.46
C ILE A 359 -8.18 8.04 -9.21
N GLN A 360 -7.62 8.07 -8.00
CA GLN A 360 -6.62 9.06 -7.63
C GLN A 360 -5.35 8.92 -8.47
N LEU A 361 -4.92 7.69 -8.74
CA LEU A 361 -3.70 7.49 -9.53
C LEU A 361 -3.96 7.87 -10.98
N GLU A 362 -5.14 7.57 -11.50
CA GLU A 362 -5.42 7.97 -12.87
C GLU A 362 -5.42 9.48 -13.01
N MET A 363 -6.08 10.17 -12.08
CA MET A 363 -6.09 11.63 -12.12
C MET A 363 -4.69 12.22 -12.15
N VAL A 364 -3.81 11.73 -11.28
CA VAL A 364 -2.47 12.29 -11.18
C VAL A 364 -1.68 12.00 -12.45
N ALA A 365 -1.71 10.75 -12.91
CA ALA A 365 -0.97 10.41 -14.12
C ALA A 365 -1.44 11.24 -15.31
N ILE A 366 -2.75 11.42 -15.44
CA ILE A 366 -3.28 12.17 -16.58
C ILE A 366 -2.82 13.64 -16.52
N LEU A 367 -2.79 14.23 -15.32
CA LEU A 367 -2.34 15.62 -15.16
C LEU A 367 -0.85 15.73 -15.42
N LEU A 368 -0.06 14.76 -14.93
CA LEU A 368 1.37 14.83 -15.21
C LEU A 368 1.63 14.78 -16.71
N LEU A 369 0.90 13.90 -17.41
CA LEU A 369 1.03 13.77 -18.86
C LEU A 369 0.53 15.01 -19.59
N LYS A 370 -0.49 15.68 -19.06
CA LYS A 370 -1.00 16.89 -19.70
C LYS A 370 -0.03 18.06 -19.60
N ARG A 371 0.60 18.24 -18.43
CA ARG A 371 1.34 19.47 -18.16
C ARG A 371 2.84 19.33 -18.41
N LEU A 372 3.40 18.13 -18.29
CA LEU A 372 4.82 17.90 -18.54
C LEU A 372 4.97 17.34 -19.95
N LYS A 373 5.53 18.14 -20.85
CA LYS A 373 5.54 17.82 -22.26
C LYS A 373 6.88 17.18 -22.66
N ASN A 374 6.80 16.18 -23.52
CA ASN A 374 7.96 15.41 -23.97
C ASN A 374 8.76 14.85 -22.80
N ILE A 375 8.06 14.04 -22.00
CA ILE A 375 8.69 13.45 -20.83
C ILE A 375 9.81 12.52 -21.27
N LYS A 376 10.93 12.59 -20.55
N LYS A 376 10.93 12.57 -20.54
CA LYS A 376 12.09 11.74 -20.79
CA LYS A 376 12.08 11.72 -20.82
C LYS A 376 12.58 11.18 -19.46
C LYS A 376 12.66 11.21 -19.51
N LEU A 377 12.96 9.91 -19.45
CA LEU A 377 13.52 9.31 -18.26
C LEU A 377 14.94 9.81 -18.02
N LYS A 378 15.23 10.15 -16.76
CA LYS A 378 16.57 10.52 -16.35
C LYS A 378 17.20 9.49 -15.41
N THR A 379 16.41 8.89 -14.53
CA THR A 379 16.87 7.72 -13.76
C THR A 379 16.77 6.50 -14.67
N MET A 380 17.88 6.14 -15.31
CA MET A 380 17.84 5.08 -16.30
C MET A 380 17.69 3.72 -15.64
N GLU A 381 18.19 3.56 -14.42
CA GLU A 381 18.10 2.31 -13.67
C GLU A 381 17.68 2.64 -12.26
N ILE A 382 16.56 2.08 -11.81
CA ILE A 382 16.11 2.32 -10.44
C ILE A 382 16.84 1.38 -9.50
N THR A 383 16.87 1.76 -8.23
CA THR A 383 17.25 0.87 -7.13
C THR A 383 16.07 0.85 -6.17
N GLU A 384 15.57 -0.34 -5.89
CA GLU A 384 14.39 -0.51 -5.05
C GLU A 384 14.81 -0.97 -3.66
N HIS A 385 14.01 -0.55 -2.68
N HIS A 385 13.98 -0.62 -2.69
CA HIS A 385 14.25 -0.87 -1.28
CA HIS A 385 14.24 -0.89 -1.29
C HIS A 385 12.92 -1.28 -0.65
C HIS A 385 12.93 -1.21 -0.59
N GLY A 386 13.02 -2.09 0.40
CA GLY A 386 11.84 -2.59 1.08
C GLY A 386 11.49 -4.01 0.69
N ILE A 387 11.22 -4.85 1.68
CA ILE A 387 10.73 -6.20 1.38
C ILE A 387 9.27 -6.37 1.75
N TYR A 388 8.72 -5.53 2.65
CA TYR A 388 7.32 -5.54 3.05
C TYR A 388 6.51 -4.57 2.18
N THR A 389 6.84 -3.27 2.22
CA THR A 389 6.44 -2.33 1.19
C THR A 389 7.69 -1.98 0.40
N ARG A 390 7.53 -1.79 -0.91
CA ARG A 390 8.67 -1.79 -1.79
C ARG A 390 8.47 -0.76 -2.89
N GLY A 391 9.53 0.00 -3.20
CA GLY A 391 9.51 0.98 -4.25
C GLY A 391 10.89 1.55 -4.54
N PRO A 392 10.97 2.36 -5.60
CA PRO A 392 12.25 2.95 -5.99
C PRO A 392 12.69 4.02 -5.00
N LYS A 393 14.01 4.18 -4.87
CA LYS A 393 14.56 5.26 -4.06
C LYS A 393 14.33 6.62 -4.73
N SER A 394 14.38 6.67 -6.06
CA SER A 394 14.31 7.89 -6.85
C SER A 394 13.87 7.49 -8.25
N MET A 395 13.18 8.41 -8.92
CA MET A 395 12.61 8.22 -10.24
C MET A 395 12.42 9.56 -10.91
N VAL A 396 13.50 10.07 -11.48
CA VAL A 396 13.56 11.43 -11.97
C VAL A 396 13.21 11.45 -13.46
N ILE A 397 12.41 12.43 -13.85
CA ILE A 397 12.06 12.61 -15.26
C ILE A 397 12.35 14.06 -15.63
N SER A 398 12.72 14.27 -16.89
CA SER A 398 12.85 15.62 -17.43
C SER A 398 11.69 15.90 -18.37
N PHE A 399 11.46 17.19 -18.62
CA PHE A 399 10.35 17.61 -19.48
C PHE A 399 10.66 19.00 -20.00
N ASP A 400 9.90 19.40 -21.03
CA ASP A 400 10.08 20.72 -21.64
C ASP A 400 9.84 21.83 -20.63
#